data_9NC5
#
_entry.id   9NC5
#
_cell.length_a   164.619
_cell.length_b   164.619
_cell.length_c   107.526
_cell.angle_alpha   90.000
_cell.angle_beta   90.000
_cell.angle_gamma   120.000
#
_symmetry.space_group_name_H-M   'H 3'
#
loop_
_entity.id
_entity.type
_entity.pdbx_description
1 polymer "DNA (5'-D(P*AP*CP*AP*CP*GP*TP*GP*GP*AP*CP*GP*AP*CP*TP*GP*CP*GP*AP*G)-3')"
2 polymer "DNA (5'-D(*TP*GP*CP*TP*CP*GP*CP*AP*GP*TP*CP*GP*TP*GP*GP*TP*C)-3')"
3 polymer "DNA (5'-D(*CP*AP*GP*AP*CP*CP*TP*GP*AP*CP*TP*C)-3')"
4 polymer "DNA (5'-D(P*TP*GP*AP*GP*TP*CP*AP*CP*CP*AP*CP*GP*TP*G)-3')"
#
loop_
_entity_poly.entity_id
_entity_poly.type
_entity_poly.pdbx_seq_one_letter_code
_entity_poly.pdbx_strand_id
1 'polydeoxyribonucleotide' (DA)(DC)(DA)(DC)(DG)(DT)(DG)(DG)(DA)(DC)(DG)(DA)(DC)(DT)(DG)(DC)(DG)(DA)(DG) A
2 'polydeoxyribonucleotide' (DT)(DG)(DC)(DT)(DC)(DG)(DC)(DA)(DG)(DT)(DC)(DG)(DT)(DG)(DG)(DT)(DC) B
3 'polydeoxyribonucleotide' (DC)(DA)(DG)(DA)(DC)(DC)(DT)(DG)(DA)(DC)(DT)(DC) C
4 'polydeoxyribonucleotide' (DT)(DG)(DA)(DG)(DT)(DC)(DA)(DC)(DC)(DA)(DC)(DG)(DT)(DG) D
#
loop_
_chem_comp.id
_chem_comp.type
_chem_comp.name
_chem_comp.formula
DA DNA linking 2'-DEOXYADENOSINE-5'-MONOPHOSPHATE 'C10 H14 N5 O6 P'
DC DNA linking 2'-DEOXYCYTIDINE-5'-MONOPHOSPHATE 'C9 H14 N3 O7 P'
DG DNA linking 2'-DEOXYGUANOSINE-5'-MONOPHOSPHATE 'C10 H14 N5 O7 P'
DT DNA linking THYMIDINE-5'-MONOPHOSPHATE 'C10 H15 N2 O8 P'
#